data_2X21
#
_entry.id   2X21
#
_cell.length_a   68.490
_cell.length_b   81.810
_cell.length_c   74.980
_cell.angle_alpha   90.00
_cell.angle_beta   90.00
_cell.angle_gamma   90.00
#
_symmetry.space_group_name_H-M   'C 2 2 21'
#
loop_
_entity.id
_entity.type
_entity.pdbx_description
1 polymer 'PERIDININ-CHLOROPHYLL A-BINDING PROTEIN, CHLOROPLASTIC'
2 non-polymer 'BACTERIOCHLOROPHYLL A'
3 non-polymer PERIDININ
4 non-polymer 'DIGALACTOSYL DIACYL GLYCEROL (DGDG)'
5 non-polymer 'CADMIUM ION'
6 non-polymer 'CHLORIDE ION'
7 non-polymer 'POTASSIUM ION'
8 non-polymer 'SODIUM ION'
9 non-polymer DI(HYDROXYETHYL)ETHER
10 water water
#
_entity_poly.entity_id   1
_entity_poly.type   'polypeptide(L)'
_entity_poly.pdbx_seq_one_letter_code
;ADEIGDAAKKLGDASYAFAKEVDWNNGIFLQAPGKLQPLEALKAIDKMIVMGAAADPKLLKAAAEAHHKAIGSVSGPNGV
TSRADWDSVNAALGRVIASVPENMVMDVYDSVSKITDPKVPAYMKSLVNGADAEKAYEGFLAFKDVVKKSQ
;
_entity_poly.pdbx_strand_id   M
#
# COMPACT_ATOMS: atom_id res chain seq x y z
N ALA A 1 -5.98 -1.31 -20.69
CA ALA A 1 -6.10 -0.07 -19.92
C ALA A 1 -7.43 0.06 -19.20
N ASP A 2 -7.39 0.75 -18.03
CA ASP A 2 -8.61 1.00 -17.29
C ASP A 2 -8.49 2.24 -16.42
N GLU A 3 -9.60 2.53 -15.73
CA GLU A 3 -9.64 3.78 -14.95
C GLU A 3 -8.72 3.76 -13.69
N ILE A 4 -8.57 2.56 -13.13
CA ILE A 4 -7.63 2.46 -12.00
C ILE A 4 -6.20 2.76 -12.49
N GLY A 5 -5.88 2.27 -13.70
CA GLY A 5 -4.57 2.59 -14.32
C GLY A 5 -4.37 4.10 -14.46
N ASP A 6 -5.37 4.78 -15.02
CA ASP A 6 -5.25 6.20 -15.19
C ASP A 6 -5.08 6.88 -13.86
N ALA A 7 -5.86 6.41 -12.88
CA ALA A 7 -5.87 7.01 -11.52
C ALA A 7 -4.49 6.76 -10.83
N ALA A 8 -3.94 5.57 -11.06
CA ALA A 8 -2.57 5.32 -10.58
C ALA A 8 -1.51 6.32 -11.05
N LYS A 9 -1.64 6.80 -12.29
CA LYS A 9 -0.67 7.76 -12.83
C LYS A 9 -0.82 9.12 -12.09
N LYS A 10 -2.07 9.55 -11.80
CA LYS A 10 -2.23 10.74 -10.98
C LYS A 10 -1.77 10.52 -9.57
N LEU A 11 -2.01 9.30 -9.04
CA LEU A 11 -1.42 8.97 -7.70
C LEU A 11 0.12 9.09 -7.64
N GLY A 12 0.81 8.61 -8.68
CA GLY A 12 2.25 8.69 -8.74
C GLY A 12 2.74 10.15 -8.74
N ASP A 13 2.05 10.99 -9.47
CA ASP A 13 2.44 12.41 -9.51
C ASP A 13 2.41 13.01 -8.09
N ALA A 14 1.41 12.58 -7.33
CA ALA A 14 1.16 13.07 -5.99
C ALA A 14 2.07 12.42 -4.94
N SER A 15 2.52 11.19 -5.19
CA SER A 15 3.14 10.38 -4.13
C SER A 15 4.58 9.90 -4.34
N TYR A 16 5.13 10.05 -5.56
CA TYR A 16 6.44 9.43 -5.78
C TYR A 16 7.58 10.21 -5.10
N ALA A 17 7.41 11.55 -4.93
CA ALA A 17 8.39 12.24 -4.06
C ALA A 17 8.48 11.71 -2.66
N PHE A 18 7.31 11.43 -2.08
CA PHE A 18 7.29 10.73 -0.79
C PHE A 18 7.95 9.34 -0.89
N ALA A 19 7.64 8.52 -1.93
CA ALA A 19 8.19 7.18 -1.99
C ALA A 19 9.76 7.27 -2.06
N LYS A 20 10.32 8.29 -2.74
CA LYS A 20 11.78 8.43 -2.84
C LYS A 20 12.39 8.79 -1.49
N GLU A 21 11.60 9.40 -0.61
CA GLU A 21 12.08 9.82 0.69
C GLU A 21 12.09 8.76 1.78
N VAL A 22 11.26 7.70 1.64
CA VAL A 22 11.24 6.65 2.64
C VAL A 22 12.51 5.82 2.48
N ASP A 23 13.15 5.47 3.58
CA ASP A 23 14.30 4.60 3.52
C ASP A 23 13.74 3.11 3.64
N TRP A 24 13.50 2.53 2.48
CA TRP A 24 12.90 1.15 2.39
C TRP A 24 13.84 0.09 2.93
N ASN A 25 15.12 0.42 3.08
CA ASN A 25 16.09 -0.50 3.77
C ASN A 25 16.20 -0.34 5.27
N ASN A 26 15.35 0.47 5.88
CA ASN A 26 15.34 0.59 7.37
C ASN A 26 14.84 -0.75 7.92
N GLY A 27 15.48 -1.26 8.98
CA GLY A 27 15.12 -2.61 9.58
C GLY A 27 13.80 -2.48 10.39
N ILE A 28 13.39 -1.22 10.60
CA ILE A 28 12.23 -0.95 11.52
C ILE A 28 10.98 -1.62 10.97
N PHE A 29 10.90 -1.87 9.67
CA PHE A 29 9.63 -2.41 9.10
C PHE A 29 9.37 -3.88 9.46
N LEU A 30 10.40 -4.54 10.01
CA LEU A 30 10.18 -5.90 10.44
C LEU A 30 9.59 -5.86 11.89
N GLN A 31 9.69 -4.72 12.57
CA GLN A 31 9.24 -4.61 13.97
C GLN A 31 7.70 -4.48 14.00
N ALA A 32 7.05 -4.98 15.08
CA ALA A 32 5.60 -4.70 15.23
C ALA A 32 5.43 -3.16 15.37
N PRO A 33 4.31 -2.66 14.86
CA PRO A 33 4.13 -1.21 14.94
C PRO A 33 3.69 -0.79 16.38
N GLY A 34 4.57 -0.96 17.36
CA GLY A 34 4.21 -0.73 18.76
C GLY A 34 4.42 -2.01 19.55
N LYS A 35 3.52 -2.38 20.45
CA LYS A 35 3.80 -3.58 21.33
C LYS A 35 3.40 -4.82 20.56
N LEU A 36 4.21 -5.87 20.58
CA LEU A 36 3.80 -7.12 19.84
C LEU A 36 2.65 -7.81 20.61
N GLN A 37 1.52 -8.08 19.95
CA GLN A 37 0.32 -8.60 20.61
C GLN A 37 -0.07 -9.74 19.71
N PRO A 38 0.57 -10.89 19.87
CA PRO A 38 0.32 -12.02 18.90
C PRO A 38 -1.15 -12.39 18.69
N LEU A 39 -1.97 -12.38 19.74
CA LEU A 39 -3.35 -12.83 19.49
C LEU A 39 -4.16 -11.83 18.64
N GLU A 40 -3.92 -10.53 18.90
CA GLU A 40 -4.58 -9.48 18.11
C GLU A 40 -4.01 -9.43 16.67
N ALA A 41 -2.74 -9.70 16.55
CA ALA A 41 -2.10 -9.67 15.27
C ALA A 41 -2.63 -10.88 14.46
N LEU A 42 -2.84 -12.00 15.15
CA LEU A 42 -3.38 -13.11 14.34
C LEU A 42 -4.76 -12.75 13.74
N LYS A 43 -5.58 -12.06 14.53
CA LYS A 43 -6.90 -11.60 14.05
C LYS A 43 -6.74 -10.77 12.75
N ALA A 44 -5.76 -9.90 12.74
CA ALA A 44 -5.55 -8.97 11.58
C ALA A 44 -5.06 -9.83 10.43
N ILE A 45 -4.17 -10.80 10.70
CA ILE A 45 -3.74 -11.66 9.59
C ILE A 45 -4.90 -12.52 9.07
N ASP A 46 -5.76 -13.02 9.96
CA ASP A 46 -6.91 -13.84 9.51
C ASP A 46 -7.73 -12.98 8.52
N LYS A 47 -8.00 -11.71 8.87
CA LYS A 47 -8.78 -10.81 7.96
C LYS A 47 -8.07 -10.67 6.60
N MET A 48 -6.73 -10.58 6.56
CA MET A 48 -6.06 -10.49 5.29
C MET A 48 -6.16 -11.82 4.55
N ILE A 49 -6.04 -12.97 5.29
CA ILE A 49 -6.20 -14.29 4.58
C ILE A 49 -7.62 -14.43 3.93
N VAL A 50 -8.63 -13.97 4.65
CA VAL A 50 -9.97 -14.05 4.13
C VAL A 50 -10.08 -13.20 2.84
N MET A 51 -9.53 -12.01 2.89
CA MET A 51 -9.55 -11.11 1.77
C MET A 51 -8.79 -11.72 0.57
N GLY A 52 -7.59 -12.29 0.82
CA GLY A 52 -6.81 -12.93 -0.25
C GLY A 52 -7.54 -14.12 -0.92
N ALA A 53 -8.21 -14.91 -0.11
CA ALA A 53 -8.99 -16.05 -0.63
C ALA A 53 -10.16 -15.53 -1.46
N ALA A 54 -10.71 -14.38 -1.13
CA ALA A 54 -11.79 -13.81 -1.94
C ALA A 54 -11.39 -13.00 -3.17
N ALA A 55 -10.12 -12.55 -3.26
CA ALA A 55 -9.59 -11.60 -4.31
C ALA A 55 -9.49 -12.34 -5.64
N ASP A 56 -9.61 -11.63 -6.77
CA ASP A 56 -9.53 -12.28 -8.06
C ASP A 56 -8.14 -12.92 -8.28
N PRO A 57 -8.06 -14.24 -8.54
CA PRO A 57 -6.74 -14.94 -8.67
C PRO A 57 -5.87 -14.31 -9.72
N LYS A 58 -6.46 -13.94 -10.87
CA LYS A 58 -5.61 -13.26 -11.92
C LYS A 58 -5.05 -11.91 -11.48
N LEU A 59 -5.82 -11.15 -10.68
CA LEU A 59 -5.33 -9.85 -10.26
C LEU A 59 -4.24 -10.04 -9.15
N LEU A 60 -4.42 -11.07 -8.29
CA LEU A 60 -3.35 -11.40 -7.33
C LEU A 60 -2.06 -11.74 -8.11
N LYS A 61 -2.16 -12.62 -9.10
CA LYS A 61 -1.00 -12.98 -9.93
C LYS A 61 -0.39 -11.71 -10.51
N ALA A 62 -1.21 -10.82 -11.11
CA ALA A 62 -0.61 -9.64 -11.76
C ALA A 62 0.11 -8.76 -10.71
N ALA A 63 -0.51 -8.63 -9.53
CA ALA A 63 0.11 -7.83 -8.45
C ALA A 63 1.49 -8.42 -8.09
N ALA A 64 1.60 -9.76 -7.97
CA ALA A 64 2.94 -10.33 -7.70
C ALA A 64 3.92 -10.04 -8.83
N GLU A 65 3.48 -10.24 -10.08
CA GLU A 65 4.38 -9.93 -11.19
CA GLU A 65 4.33 -9.92 -11.24
C GLU A 65 4.87 -8.48 -11.19
N ALA A 66 3.97 -7.53 -10.86
CA ALA A 66 4.35 -6.10 -10.79
C ALA A 66 5.35 -5.81 -9.68
N HIS A 67 5.23 -6.50 -8.55
CA HIS A 67 6.30 -6.36 -7.56
C HIS A 67 7.61 -6.98 -7.94
N HIS A 68 7.59 -8.14 -8.59
CA HIS A 68 8.88 -8.68 -9.10
C HIS A 68 9.58 -7.68 -10.04
N LYS A 69 8.82 -7.09 -10.96
CA LYS A 69 9.40 -6.10 -11.89
C LYS A 69 9.88 -4.87 -11.12
N ALA A 70 9.10 -4.42 -10.14
CA ALA A 70 9.50 -3.25 -9.33
C ALA A 70 10.79 -3.51 -8.51
N ILE A 71 11.00 -4.73 -8.02
CA ILE A 71 12.28 -5.08 -7.35
C ILE A 71 13.45 -4.94 -8.31
N GLY A 72 13.20 -5.30 -9.57
CA GLY A 72 14.28 -5.18 -10.61
C GLY A 72 14.76 -3.75 -10.87
N SER A 73 13.96 -2.72 -10.54
CA SER A 73 14.36 -1.35 -10.91
C SER A 73 14.70 -0.46 -9.68
N VAL A 74 14.80 -1.07 -8.49
CA VAL A 74 15.27 -0.40 -7.28
C VAL A 74 16.61 0.31 -7.57
N SER A 75 16.71 1.57 -7.17
CA SER A 75 18.04 2.23 -7.26
C SER A 75 18.16 3.36 -6.29
N GLY A 76 19.39 3.77 -6.07
CA GLY A 76 19.58 4.86 -5.10
C GLY A 76 19.74 4.38 -3.72
N PRO A 77 19.99 5.34 -2.85
CA PRO A 77 20.38 4.85 -1.56
C PRO A 77 19.24 4.40 -0.61
N ASN A 78 17.98 4.60 -1.01
CA ASN A 78 16.83 4.31 -0.16
C ASN A 78 16.05 3.09 -0.65
N GLY A 79 16.58 2.46 -1.69
CA GLY A 79 15.87 1.26 -2.27
C GLY A 79 14.57 1.51 -2.96
N VAL A 80 14.38 2.71 -3.50
CA VAL A 80 13.10 3.04 -4.20
C VAL A 80 13.02 2.52 -5.66
N THR A 81 11.93 1.87 -5.99
CA THR A 81 11.67 1.45 -7.34
C THR A 81 11.48 2.64 -8.30
N SER A 82 11.47 2.34 -9.62
CA SER A 82 11.26 3.38 -10.62
C SER A 82 9.84 4.00 -10.50
N ARG A 83 9.72 5.22 -10.99
CA ARG A 83 8.42 5.83 -11.00
C ARG A 83 7.38 4.98 -11.77
N ALA A 84 7.78 4.42 -12.92
CA ALA A 84 6.82 3.59 -13.74
C ALA A 84 6.40 2.38 -12.94
N ASP A 85 7.36 1.81 -12.23
CA ASP A 85 7.00 0.56 -11.47
C ASP A 85 6.19 0.91 -10.17
N TRP A 86 6.48 2.05 -9.56
CA TRP A 86 5.57 2.53 -8.51
C TRP A 86 4.11 2.62 -8.97
N ASP A 87 3.89 3.29 -10.12
CA ASP A 87 2.53 3.35 -10.67
C ASP A 87 1.97 1.96 -10.98
N SER A 88 2.79 1.06 -11.54
N SER A 88 2.75 1.05 -11.58
CA SER A 88 2.34 -0.26 -11.91
CA SER A 88 2.20 -0.26 -11.98
C SER A 88 1.82 -1.01 -10.67
C SER A 88 1.85 -1.09 -10.71
N VAL A 89 2.65 -0.97 -9.65
CA VAL A 89 2.29 -1.56 -8.32
C VAL A 89 1.01 -0.99 -7.80
N ASN A 90 0.90 0.32 -7.78
CA ASN A 90 -0.33 0.92 -7.21
C ASN A 90 -1.61 0.57 -7.98
N ALA A 91 -1.52 0.53 -9.31
CA ALA A 91 -2.70 0.15 -10.09
C ALA A 91 -3.03 -1.30 -9.87
N ALA A 92 -2.03 -2.17 -9.82
CA ALA A 92 -2.36 -3.59 -9.65
C ALA A 92 -2.96 -3.83 -8.25
N LEU A 93 -2.43 -3.16 -7.22
CA LEU A 93 -3.09 -3.30 -5.86
C LEU A 93 -4.51 -2.69 -5.87
N GLY A 94 -4.73 -1.52 -6.49
CA GLY A 94 -6.07 -0.99 -6.61
C GLY A 94 -7.01 -1.99 -7.24
N ARG A 95 -6.58 -2.72 -8.28
CA ARG A 95 -7.48 -3.71 -8.85
C ARG A 95 -7.84 -4.87 -7.89
N VAL A 96 -6.82 -5.35 -7.14
CA VAL A 96 -7.10 -6.36 -6.07
C VAL A 96 -8.11 -5.83 -5.07
N ILE A 97 -7.92 -4.60 -4.58
CA ILE A 97 -8.82 -4.00 -3.58
C ILE A 97 -10.24 -3.95 -4.19
N ALA A 98 -10.34 -3.58 -5.46
CA ALA A 98 -11.69 -3.51 -6.11
C ALA A 98 -12.35 -4.87 -6.32
N SER A 99 -11.58 -5.95 -6.29
CA SER A 99 -12.14 -7.26 -6.55
C SER A 99 -12.78 -7.94 -5.30
N VAL A 100 -12.75 -7.28 -4.15
CA VAL A 100 -13.40 -7.89 -2.93
C VAL A 100 -14.39 -6.91 -2.29
N PRO A 101 -15.33 -7.39 -1.50
CA PRO A 101 -16.24 -6.40 -0.91
C PRO A 101 -15.60 -5.36 0.00
N GLU A 102 -16.14 -4.16 -0.01
CA GLU A 102 -15.61 -3.10 0.85
C GLU A 102 -15.41 -3.61 2.30
N ASN A 103 -16.32 -4.48 2.83
CA ASN A 103 -16.22 -4.89 4.24
C ASN A 103 -14.91 -5.64 4.55
N MET A 104 -14.42 -6.43 3.58
CA MET A 104 -13.21 -7.18 3.78
C MET A 104 -12.09 -6.22 3.86
N VAL A 105 -12.10 -5.11 3.05
CA VAL A 105 -10.95 -4.19 3.09
C VAL A 105 -10.95 -3.43 4.44
N MET A 106 -12.12 -2.93 4.83
CA MET A 106 -12.26 -2.22 6.16
C MET A 106 -11.91 -3.12 7.34
N ASP A 107 -12.20 -4.40 7.26
CA ASP A 107 -11.90 -5.32 8.35
C ASP A 107 -10.36 -5.44 8.47
N VAL A 108 -9.59 -5.51 7.34
CA VAL A 108 -8.10 -5.49 7.49
C VAL A 108 -7.66 -4.16 8.10
N TYR A 109 -8.23 -3.06 7.60
CA TYR A 109 -7.78 -1.73 8.12
C TYR A 109 -8.04 -1.57 9.62
N ASP A 110 -9.24 -1.97 10.05
CA ASP A 110 -9.64 -1.85 11.50
C ASP A 110 -8.79 -2.80 12.35
N SER A 111 -8.52 -4.01 11.84
N SER A 111 -8.51 -4.03 11.89
CA SER A 111 -7.82 -5.04 12.62
CA SER A 111 -7.77 -4.95 12.76
C SER A 111 -6.34 -4.71 12.74
C SER A 111 -6.34 -4.52 12.85
N VAL A 112 -5.78 -3.99 11.75
CA VAL A 112 -4.40 -3.55 11.85
C VAL A 112 -4.31 -2.28 12.74
N SER A 113 -5.28 -1.39 12.57
CA SER A 113 -5.24 -0.18 13.39
C SER A 113 -5.24 -0.58 14.88
N LYS A 114 -5.94 -1.67 15.22
CA LYS A 114 -5.96 -2.09 16.61
C LYS A 114 -4.58 -2.39 17.24
N ILE A 115 -3.63 -2.86 16.42
CA ILE A 115 -2.34 -3.19 16.89
C ILE A 115 -1.27 -2.11 16.62
N THR A 116 -1.66 -0.99 16.00
CA THR A 116 -0.69 0.07 15.62
C THR A 116 -0.69 1.16 16.73
N ASP A 117 0.47 1.34 17.31
CA ASP A 117 0.56 2.37 18.37
C ASP A 117 0.28 3.78 17.76
N PRO A 118 -0.44 4.64 18.47
CA PRO A 118 -0.82 5.94 17.91
C PRO A 118 0.40 6.82 17.53
N LYS A 119 1.61 6.54 18.07
CA LYS A 119 2.77 7.35 17.72
C LYS A 119 3.37 6.93 16.35
N VAL A 120 3.00 5.73 15.88
CA VAL A 120 3.71 5.15 14.68
C VAL A 120 3.51 6.08 13.41
N PRO A 121 2.29 6.56 13.08
CA PRO A 121 2.21 7.39 11.89
C PRO A 121 3.05 8.65 11.96
N ALA A 122 2.95 9.39 13.07
CA ALA A 122 3.80 10.58 13.17
C ALA A 122 5.29 10.26 13.13
N TYR A 123 5.72 9.16 13.73
CA TYR A 123 7.16 8.78 13.68
C TYR A 123 7.60 8.59 12.21
N MET A 124 6.82 7.81 11.47
CA MET A 124 7.12 7.59 10.02
C MET A 124 7.16 8.91 9.22
N LYS A 125 6.18 9.78 9.48
CA LYS A 125 6.11 11.04 8.79
C LYS A 125 7.34 11.90 9.08
N SER A 126 7.79 11.80 10.33
CA SER A 126 8.97 12.65 10.74
C SER A 126 10.25 12.27 10.00
N LEU A 127 10.28 11.12 9.31
CA LEU A 127 11.50 10.73 8.67
C LEU A 127 11.48 11.21 7.22
N VAL A 128 10.36 11.73 6.72
CA VAL A 128 10.31 12.20 5.33
C VAL A 128 9.93 13.66 5.29
N ASN A 129 9.71 14.23 4.10
CA ASN A 129 9.25 15.62 4.05
C ASN A 129 7.73 15.64 4.26
N GLY A 130 7.29 16.38 5.28
CA GLY A 130 5.88 16.23 5.77
C GLY A 130 4.89 16.70 4.67
N ALA A 131 5.23 17.75 3.92
CA ALA A 131 4.34 18.25 2.83
C ALA A 131 4.18 17.15 1.74
N ASP A 132 5.30 16.46 1.42
CA ASP A 132 5.23 15.42 0.41
C ASP A 132 4.41 14.22 0.93
N ALA A 133 4.55 13.91 2.22
CA ALA A 133 3.65 12.87 2.81
C ALA A 133 2.17 13.31 2.73
N GLU A 134 1.87 14.58 3.08
CA GLU A 134 0.49 15.08 2.95
C GLU A 134 -0.05 14.97 1.51
N LYS A 135 0.79 15.39 0.56
CA LYS A 135 0.42 15.33 -0.85
C LYS A 135 0.21 13.87 -1.30
N ALA A 136 1.03 12.94 -0.76
CA ALA A 136 0.88 11.53 -1.14
C ALA A 136 -0.51 11.04 -0.61
N TYR A 137 -0.82 11.39 0.64
CA TYR A 137 -2.10 10.95 1.22
C TYR A 137 -3.27 11.57 0.49
N GLU A 138 -3.19 12.87 0.15
CA GLU A 138 -4.31 13.45 -0.62
C GLU A 138 -4.45 12.71 -1.96
N GLY A 139 -3.31 12.32 -2.54
CA GLY A 139 -3.32 11.42 -3.76
C GLY A 139 -4.09 10.17 -3.51
N PHE A 140 -3.70 9.50 -2.41
CA PHE A 140 -4.38 8.24 -2.07
C PHE A 140 -5.89 8.46 -1.96
N LEU A 141 -6.34 9.58 -1.34
CA LEU A 141 -7.81 9.77 -1.22
C LEU A 141 -8.52 9.85 -2.56
N ALA A 142 -7.85 10.51 -3.50
CA ALA A 142 -8.44 10.64 -4.84
C ALA A 142 -8.41 9.25 -5.53
N PHE A 143 -7.30 8.53 -5.35
CA PHE A 143 -7.18 7.21 -5.98
C PHE A 143 -8.24 6.23 -5.45
N LYS A 144 -8.46 6.19 -4.11
CA LYS A 144 -9.42 5.23 -3.60
C LYS A 144 -10.84 5.52 -4.05
N ASP A 145 -11.12 6.77 -4.40
CA ASP A 145 -12.44 7.09 -5.01
C ASP A 145 -12.66 6.38 -6.36
N VAL A 146 -11.59 6.27 -7.15
CA VAL A 146 -11.74 5.55 -8.45
C VAL A 146 -11.83 4.07 -8.22
N VAL A 147 -11.00 3.57 -7.29
CA VAL A 147 -11.06 2.17 -6.90
C VAL A 147 -12.50 1.78 -6.47
N LYS A 148 -13.02 2.56 -5.52
CA LYS A 148 -14.40 2.26 -5.04
C LYS A 148 -15.45 2.18 -6.22
N LYS A 149 -15.32 3.02 -7.21
CA LYS A 149 -16.23 3.01 -8.36
C LYS A 149 -16.08 1.79 -9.25
N SER A 150 -14.94 1.08 -9.23
CA SER A 150 -14.77 -0.21 -9.93
C SER A 150 -15.11 -1.40 -8.99
N GLN A 151 -15.37 -1.11 -7.71
CA GLN A 151 -15.57 -2.16 -6.69
C GLN A 151 -17.03 -2.59 -6.42
#